data_5ZRY
#
_entry.id   5ZRY
#
_cell.length_a   38.985
_cell.length_b   85.042
_cell.length_c   98.383
_cell.angle_alpha   90.000
_cell.angle_beta   90.000
_cell.angle_gamma   90.000
#
_symmetry.space_group_name_H-M   'P 21 21 21'
#
loop_
_entity.id
_entity.type
_entity.pdbx_description
1 polymer 'Ankyrin repeat and SAM domain-containing protein 1A,Ephrin type-A receptor 6'
2 non-polymer 'SULFATE ION'
3 non-polymer GLYCEROL
4 non-polymer '4-(2-HYDROXYETHYL)-1-PIPERAZINE ETHANESULFONIC ACID'
5 non-polymer 2-AMINO-2-HYDROXYMETHYL-PROPANE-1,3-DIOL
6 water water
#
_entity_poly.entity_id   1
_entity_poly.type   'polypeptide(L)'
_entity_poly.pdbx_seq_one_letter_code
;EGDIHMHHHHHHSSGLEVLFQGPGSISGSRTLEQSVGEWLESIGLQQYESKLLLNGFDDVRFLGSNVMEEQDLREIGISD
PQHRRKLLQAARSLPKVKPSGSSGENLYFQSGSSGPEYPLFVTVGDWLDSIKMGQYKSNFMAAGFTTFDLISRMSIDDIR
RIGVILIGHQRRIVSSIQTLRLHMMHIQEKGFHV
;
_entity_poly.pdbx_strand_id   A,B
#
loop_
_chem_comp.id
_chem_comp.type
_chem_comp.name
_chem_comp.formula
EPE non-polymer '4-(2-HYDROXYETHYL)-1-PIPERAZINE ETHANESULFONIC ACID' 'C8 H18 N2 O4 S'
GOL non-polymer GLYCEROL 'C3 H8 O3'
SO4 non-polymer 'SULFATE ION' 'O4 S -2'
TRS non-polymer 2-AMINO-2-HYDROXYMETHYL-PROPANE-1,3-DIOL 'C4 H12 N O3 1'
#
# COMPACT_ATOMS: atom_id res chain seq x y z
N ILE A 26 -22.39 -14.50 5.75
CA ILE A 26 -23.36 -14.14 4.67
C ILE A 26 -24.05 -15.40 4.14
N SER A 27 -25.31 -15.26 3.70
CA SER A 27 -26.07 -16.38 3.13
CA SER A 27 -26.06 -16.39 3.15
C SER A 27 -25.60 -16.75 1.72
N GLY A 28 -25.33 -15.74 0.90
CA GLY A 28 -24.84 -15.95 -0.46
C GLY A 28 -23.41 -16.45 -0.58
N SER A 29 -22.98 -16.64 -1.83
CA SER A 29 -21.67 -17.23 -2.11
C SER A 29 -20.56 -16.19 -2.04
N ARG A 30 -19.33 -16.67 -1.85
CA ARG A 30 -18.15 -15.80 -1.91
C ARG A 30 -17.32 -16.13 -3.15
N THR A 31 -16.79 -15.08 -3.78
CA THR A 31 -15.96 -15.23 -4.95
C THR A 31 -14.53 -15.52 -4.47
N LEU A 32 -13.88 -16.49 -5.11
CA LEU A 32 -12.52 -16.91 -4.73
C LEU A 32 -11.47 -16.14 -5.53
N GLU A 33 -10.31 -15.95 -4.90
CA GLU A 33 -9.16 -15.29 -5.54
C GLU A 33 -8.50 -16.24 -6.54
N GLN A 34 -7.80 -15.65 -7.50
CA GLN A 34 -7.06 -16.42 -8.50
C GLN A 34 -5.86 -17.12 -7.90
N SER A 35 -5.37 -18.15 -8.59
CA SER A 35 -4.07 -18.74 -8.27
C SER A 35 -2.98 -17.82 -8.77
N VAL A 36 -1.76 -17.97 -8.24
CA VAL A 36 -0.61 -17.23 -8.79
C VAL A 36 -0.44 -17.47 -10.31
N GLY A 37 -0.64 -18.71 -10.76
CA GLY A 37 -0.54 -19.01 -12.19
C GLY A 37 -1.56 -18.29 -13.05
N GLU A 38 -2.81 -18.25 -12.59
CA GLU A 38 -3.87 -17.54 -13.32
C GLU A 38 -3.62 -16.03 -13.36
N TRP A 39 -3.18 -15.48 -12.23
CA TRP A 39 -2.80 -14.08 -12.16
C TRP A 39 -1.65 -13.80 -13.16
N LEU A 40 -0.60 -14.59 -13.12
CA LEU A 40 0.53 -14.37 -14.04
C LEU A 40 0.12 -14.46 -15.50
N GLU A 41 -0.72 -15.42 -15.83
CA GLU A 41 -1.27 -15.53 -17.18
C GLU A 41 -2.01 -14.26 -17.58
N SER A 42 -2.74 -13.64 -16.66
CA SER A 42 -3.50 -12.44 -16.98
C SER A 42 -2.60 -11.24 -17.38
N ILE A 43 -1.32 -11.27 -16.95
CA ILE A 43 -0.35 -10.19 -17.22
C ILE A 43 0.81 -10.65 -18.12
N GLY A 44 0.71 -11.85 -18.70
CA GLY A 44 1.69 -12.29 -19.69
C GLY A 44 3.02 -12.68 -19.11
N LEU A 45 3.02 -13.19 -17.87
CA LEU A 45 4.26 -13.51 -17.17
C LEU A 45 4.23 -14.90 -16.53
N GLN A 46 3.41 -15.79 -17.06
CA GLN A 46 3.29 -17.13 -16.48
C GLN A 46 4.55 -17.98 -16.51
N GLN A 47 5.53 -17.64 -17.36
CA GLN A 47 6.80 -18.37 -17.33
C GLN A 47 7.54 -18.32 -16.00
N TYR A 48 7.19 -17.35 -15.14
CA TYR A 48 7.78 -17.20 -13.83
C TYR A 48 7.01 -17.88 -12.69
N GLU A 49 6.00 -18.66 -13.04
CA GLU A 49 5.17 -19.29 -12.03
C GLU A 49 5.96 -20.17 -11.06
N SER A 50 6.80 -21.07 -11.57
CA SER A 50 7.51 -21.97 -10.68
CA SER A 50 7.54 -21.97 -10.70
C SER A 50 8.50 -21.21 -9.79
N LYS A 51 9.20 -20.22 -10.34
CA LYS A 51 10.13 -19.43 -9.55
C LYS A 51 9.38 -18.72 -8.40
N LEU A 52 8.19 -18.19 -8.66
CA LEU A 52 7.43 -17.51 -7.59
CA LEU A 52 7.45 -17.50 -7.60
C LEU A 52 6.98 -18.52 -6.55
N LEU A 53 6.31 -19.56 -6.98
CA LEU A 53 5.79 -20.56 -6.05
C LEU A 53 6.88 -21.18 -5.16
N LEU A 54 7.98 -21.58 -5.79
CA LEU A 54 9.05 -22.23 -5.05
C LEU A 54 9.76 -21.33 -4.06
N ASN A 55 9.61 -20.02 -4.21
CA ASN A 55 10.21 -19.05 -3.32
C ASN A 55 9.20 -18.39 -2.37
N GLY A 56 8.00 -18.96 -2.29
CA GLY A 56 7.02 -18.52 -1.29
C GLY A 56 6.12 -17.37 -1.73
N PHE A 57 6.24 -16.93 -3.00
CA PHE A 57 5.27 -15.98 -3.57
C PHE A 57 4.13 -16.80 -4.14
N ASP A 58 3.32 -17.33 -3.22
CA ASP A 58 2.45 -18.47 -3.52
C ASP A 58 0.95 -18.23 -3.31
N ASP A 59 0.59 -16.99 -3.05
CA ASP A 59 -0.78 -16.63 -2.70
C ASP A 59 -0.97 -15.19 -3.13
N VAL A 60 -1.92 -14.94 -4.02
CA VAL A 60 -2.15 -13.62 -4.61
CA VAL A 60 -2.11 -13.59 -4.58
C VAL A 60 -2.56 -12.56 -3.53
N ARG A 61 -3.01 -13.02 -2.37
CA ARG A 61 -3.33 -12.10 -1.26
C ARG A 61 -2.09 -11.49 -0.61
N PHE A 62 -0.91 -12.07 -0.87
CA PHE A 62 0.31 -11.66 -0.17
C PHE A 62 1.45 -11.35 -1.13
N LEU A 63 1.13 -10.66 -2.22
CA LEU A 63 2.10 -10.17 -3.19
C LEU A 63 2.07 -8.67 -3.17
N GLY A 64 3.08 -8.04 -3.75
CA GLY A 64 3.10 -6.56 -3.83
C GLY A 64 4.05 -5.80 -2.93
N SER A 65 3.82 -4.48 -2.82
CA SER A 65 4.92 -3.52 -2.63
C SER A 65 5.87 -3.71 -1.45
N ASN A 66 5.35 -3.99 -0.26
CA ASN A 66 6.19 -4.22 0.91
C ASN A 66 6.67 -5.68 0.89
N VAL A 67 5.98 -6.52 0.12
CA VAL A 67 6.26 -7.96 0.13
C VAL A 67 7.17 -8.37 -1.03
N MET A 68 6.85 -7.99 -2.26
CA MET A 68 7.71 -8.37 -3.39
C MET A 68 8.59 -7.19 -3.80
N GLU A 69 9.90 -7.42 -3.81
CA GLU A 69 10.92 -6.40 -4.08
C GLU A 69 11.79 -6.79 -5.25
N GLU A 70 12.28 -5.78 -5.99
CA GLU A 70 13.04 -6.05 -7.20
C GLU A 70 14.25 -6.96 -6.95
N GLN A 71 15.01 -6.70 -5.88
CA GLN A 71 16.17 -7.54 -5.57
C GLN A 71 15.76 -9.01 -5.37
N ASP A 72 14.60 -9.26 -4.74
CA ASP A 72 14.10 -10.64 -4.55
C ASP A 72 13.80 -11.31 -5.87
N LEU A 73 13.20 -10.54 -6.79
CA LEU A 73 12.89 -11.07 -8.11
C LEU A 73 14.17 -11.40 -8.87
N ARG A 74 15.20 -10.57 -8.75
CA ARG A 74 16.53 -10.87 -9.35
C ARG A 74 17.08 -12.16 -8.76
N GLU A 75 17.04 -12.25 -7.43
CA GLU A 75 17.63 -13.39 -6.71
C GLU A 75 16.98 -14.73 -7.09
N ILE A 76 15.66 -14.75 -7.30
CA ILE A 76 14.95 -15.99 -7.66
C ILE A 76 15.09 -16.34 -9.15
N GLY A 77 15.70 -15.45 -9.93
CA GLY A 77 16.09 -15.75 -11.30
C GLY A 77 15.33 -15.02 -12.38
N ILE A 78 14.62 -13.95 -12.06
CA ILE A 78 14.01 -13.12 -13.09
C ILE A 78 15.03 -12.07 -13.52
N SER A 79 15.77 -12.40 -14.56
CA SER A 79 16.90 -11.60 -15.01
C SER A 79 16.49 -10.48 -15.95
N ASP A 80 15.29 -10.59 -16.52
CA ASP A 80 14.78 -9.59 -17.46
C ASP A 80 14.25 -8.36 -16.70
N PRO A 81 14.94 -7.20 -16.78
CA PRO A 81 14.50 -6.03 -15.99
C PRO A 81 13.14 -5.48 -16.35
N GLN A 82 12.74 -5.55 -17.61
CA GLN A 82 11.39 -5.15 -18.03
C GLN A 82 10.31 -6.06 -17.43
N HIS A 83 10.55 -7.36 -17.39
CA HIS A 83 9.62 -8.28 -16.73
C HIS A 83 9.56 -8.03 -15.23
N ARG A 84 10.71 -7.75 -14.59
CA ARG A 84 10.67 -7.41 -13.16
C ARG A 84 9.81 -6.17 -12.91
N ARG A 85 9.98 -5.12 -13.71
CA ARG A 85 9.21 -3.88 -13.52
C ARG A 85 7.74 -4.15 -13.74
N LYS A 86 7.42 -4.94 -14.76
CA LYS A 86 6.03 -5.27 -15.04
C LYS A 86 5.38 -6.04 -13.91
N LEU A 87 6.09 -7.04 -13.41
CA LEU A 87 5.59 -7.86 -12.32
C LEU A 87 5.34 -7.06 -11.04
N LEU A 88 6.28 -6.19 -10.70
CA LEU A 88 6.17 -5.35 -9.51
C LEU A 88 4.99 -4.40 -9.63
N GLN A 89 4.83 -3.76 -10.78
CA GLN A 89 3.67 -2.90 -10.97
C GLN A 89 2.35 -3.69 -10.86
N ALA A 90 2.30 -4.87 -11.47
CA ALA A 90 1.10 -5.70 -11.40
C ALA A 90 0.77 -6.12 -9.96
N ALA A 91 1.79 -6.49 -9.19
CA ALA A 91 1.60 -6.86 -7.79
C ALA A 91 1.06 -5.69 -6.97
N ARG A 92 1.54 -4.48 -7.26
CA ARG A 92 1.01 -3.26 -6.63
C ARG A 92 -0.45 -2.97 -6.97
N SER A 93 -0.95 -3.52 -8.08
CA SER A 93 -2.34 -3.34 -8.53
C SER A 93 -3.33 -4.35 -7.92
N LEU A 94 -2.83 -5.31 -7.15
CA LEU A 94 -3.69 -6.26 -6.47
C LEU A 94 -4.37 -5.57 -5.29
N PRO A 95 -5.59 -5.99 -4.98
CA PRO A 95 -6.28 -5.34 -3.88
C PRO A 95 -5.59 -5.73 -2.59
N LYS A 96 -5.57 -4.80 -1.64
CA LYS A 96 -5.09 -5.08 -0.31
C LYS A 96 -6.26 -5.72 0.40
N VAL A 97 -6.10 -6.99 0.75
CA VAL A 97 -7.13 -7.77 1.40
C VAL A 97 -6.85 -7.70 2.89
N LYS A 98 -7.79 -7.15 3.65
CA LYS A 98 -7.66 -7.03 5.09
C LYS A 98 -7.52 -8.42 5.69
N PRO A 99 -6.64 -8.59 6.69
CA PRO A 99 -6.50 -9.95 7.23
C PRO A 99 -7.77 -10.41 7.93
N SER A 100 -8.07 -11.69 7.77
CA SER A 100 -9.21 -12.30 8.43
C SER A 100 -8.88 -12.45 9.90
N GLY A 101 -9.88 -12.23 10.74
CA GLY A 101 -9.78 -12.64 12.12
C GLY A 101 -9.78 -14.16 12.28
N SER A 102 -9.47 -14.59 13.49
CA SER A 102 -9.43 -16.00 13.82
C SER A 102 -10.84 -16.53 14.05
N SER A 103 -11.00 -17.84 14.01
CA SER A 103 -12.28 -18.48 14.29
CA SER A 103 -12.29 -18.47 14.29
C SER A 103 -12.55 -18.56 15.80
N GLY A 104 -11.50 -18.36 16.60
CA GLY A 104 -11.65 -18.32 18.04
C GLY A 104 -11.74 -16.85 18.45
N GLU A 105 -11.01 -16.48 19.47
CA GLU A 105 -11.08 -15.12 20.00
CA GLU A 105 -11.10 -15.11 19.97
C GLU A 105 -10.40 -14.13 19.00
N ASN A 106 -10.94 -12.92 18.90
CA ASN A 106 -10.30 -11.87 18.14
C ASN A 106 -10.25 -10.56 18.91
N LEU A 107 -9.24 -9.78 18.66
CA LEU A 107 -9.13 -8.41 19.14
C LEU A 107 -9.00 -7.56 17.88
N TYR A 108 -9.83 -6.52 17.76
CA TYR A 108 -9.88 -5.68 16.56
C TYR A 108 -9.75 -4.23 16.93
N PHE A 109 -9.01 -3.50 16.11
CA PHE A 109 -9.05 -2.05 16.07
C PHE A 109 -9.92 -1.61 14.89
N GLN A 110 -10.80 -0.63 15.09
CA GLN A 110 -11.65 -0.13 14.01
C GLN A 110 -11.77 1.36 14.12
N SER A 111 -11.63 2.03 13.00
CA SER A 111 -11.86 3.47 13.00
C SER A 111 -13.18 3.81 12.34
N GLY A 112 -14.10 4.40 13.10
CA GLY A 112 -15.44 4.71 12.61
C GLY A 112 -16.38 3.53 12.80
N SER A 113 -17.68 3.84 12.86
CA SER A 113 -18.71 2.83 13.08
C SER A 113 -18.75 1.76 11.99
N SER A 114 -18.43 2.16 10.76
CA SER A 114 -18.46 1.28 9.60
C SER A 114 -17.08 1.02 8.97
N GLY A 115 -15.99 1.43 9.62
CA GLY A 115 -14.64 1.27 9.03
C GLY A 115 -14.12 -0.15 9.09
N PRO A 116 -13.02 -0.44 8.38
CA PRO A 116 -12.49 -1.82 8.34
C PRO A 116 -11.90 -2.26 9.65
N GLU A 117 -12.15 -3.51 10.00
CA GLU A 117 -11.67 -4.09 11.25
C GLU A 117 -10.24 -4.53 11.00
N TYR A 118 -9.26 -4.07 11.79
CA TYR A 118 -7.90 -4.56 11.72
C TYR A 118 -7.63 -5.51 12.91
N PRO A 119 -7.33 -6.80 12.65
CA PRO A 119 -7.15 -7.74 13.77
C PRO A 119 -5.80 -7.60 14.42
N LEU A 120 -5.76 -7.68 15.75
CA LEU A 120 -4.54 -7.60 16.54
C LEU A 120 -4.09 -8.94 17.12
N PHE A 121 -5.04 -9.88 17.20
CA PHE A 121 -4.84 -11.27 17.66
C PHE A 121 -4.60 -11.40 19.14
N VAL A 122 -4.88 -12.58 19.66
CA VAL A 122 -4.58 -12.86 21.07
C VAL A 122 -3.56 -13.96 21.26
N THR A 123 -3.12 -14.64 20.17
CA THR A 123 -2.02 -15.58 20.24
C THR A 123 -1.16 -15.45 18.99
N VAL A 124 0.09 -15.85 19.14
CA VAL A 124 1.02 -15.87 18.01
C VAL A 124 0.50 -16.78 16.89
N GLY A 125 -0.06 -17.92 17.24
CA GLY A 125 -0.60 -18.83 16.24
C GLY A 125 -1.72 -18.23 15.43
N ASP A 126 -2.62 -17.49 16.08
CA ASP A 126 -3.72 -16.89 15.39
C ASP A 126 -3.20 -15.82 14.42
N TRP A 127 -2.22 -15.04 14.85
CA TRP A 127 -1.57 -14.06 13.99
C TRP A 127 -0.94 -14.76 12.75
N LEU A 128 -0.15 -15.81 12.98
CA LEU A 128 0.45 -16.52 11.84
C LEU A 128 -0.60 -17.09 10.90
N ASP A 129 -1.67 -17.63 11.44
CA ASP A 129 -2.75 -18.18 10.61
C ASP A 129 -3.38 -17.12 9.69
N SER A 130 -3.46 -15.88 10.17
CA SER A 130 -4.06 -14.81 9.38
C SER A 130 -3.34 -14.51 8.08
N ILE A 131 -2.08 -14.87 8.01
CA ILE A 131 -1.26 -14.67 6.80
C ILE A 131 -0.86 -16.01 6.23
N LYS A 132 -1.58 -17.08 6.58
CA LYS A 132 -1.34 -18.43 6.04
C LYS A 132 0.07 -18.96 6.34
N MET A 133 0.64 -18.51 7.45
CA MET A 133 2.00 -18.87 7.89
C MET A 133 2.02 -19.79 9.12
N GLY A 134 0.87 -20.41 9.40
CA GLY A 134 0.75 -21.33 10.53
C GLY A 134 1.73 -22.47 10.57
N GLN A 135 2.28 -22.85 9.42
CA GLN A 135 3.30 -23.89 9.38
CA GLN A 135 3.30 -23.89 9.40
C GLN A 135 4.53 -23.53 10.22
N TYR A 136 4.76 -22.23 10.46
CA TYR A 136 5.93 -21.76 11.20
C TYR A 136 5.68 -21.56 12.70
N LYS A 137 4.49 -21.91 13.19
CA LYS A 137 4.24 -21.72 14.63
C LYS A 137 5.31 -22.42 15.46
N SER A 138 5.65 -23.66 15.12
CA SER A 138 6.66 -24.39 15.88
C SER A 138 8.02 -23.70 15.85
N ASN A 139 8.36 -23.04 14.74
CA ASN A 139 9.60 -22.28 14.68
C ASN A 139 9.64 -21.15 15.69
N PHE A 140 8.54 -20.40 15.77
CA PHE A 140 8.46 -19.31 16.73
C PHE A 140 8.50 -19.85 18.18
N MET A 141 7.75 -20.90 18.41
CA MET A 141 7.67 -21.45 19.77
CA MET A 141 7.65 -21.48 19.76
C MET A 141 9.01 -22.01 20.22
N ALA A 142 9.72 -22.68 19.33
CA ALA A 142 11.01 -23.27 19.68
C ALA A 142 12.06 -22.22 20.03
N ALA A 143 11.92 -21.03 19.43
CA ALA A 143 12.78 -19.91 19.71
C ALA A 143 12.34 -19.07 20.90
N GLY A 144 11.18 -19.39 21.46
CA GLY A 144 10.61 -18.59 22.52
C GLY A 144 10.03 -17.26 22.11
N PHE A 145 9.78 -17.08 20.81
CA PHE A 145 9.27 -15.82 20.30
C PHE A 145 7.76 -15.92 20.23
N THR A 146 7.11 -15.71 21.38
CA THR A 146 5.69 -15.98 21.51
C THR A 146 4.87 -14.72 21.84
N THR A 147 5.53 -13.63 22.22
CA THR A 147 4.86 -12.38 22.55
C THR A 147 5.01 -11.38 21.41
N PHE A 148 4.03 -10.50 21.25
CA PHE A 148 4.08 -9.38 20.29
CA PHE A 148 4.21 -9.56 20.17
C PHE A 148 5.33 -8.55 20.50
N ASP A 149 5.61 -8.24 21.76
CA ASP A 149 6.77 -7.41 22.06
C ASP A 149 8.06 -7.97 21.50
N LEU A 150 8.26 -9.29 21.66
CA LEU A 150 9.40 -9.99 21.10
CA LEU A 150 9.44 -9.88 21.08
C LEU A 150 9.39 -9.87 19.56
N ILE A 151 8.27 -10.29 18.96
CA ILE A 151 8.18 -10.38 17.50
C ILE A 151 8.23 -9.04 16.79
N SER A 152 7.77 -7.99 17.46
CA SER A 152 7.57 -6.69 16.81
CA SER A 152 7.58 -6.65 16.88
C SER A 152 8.82 -6.03 16.26
N ARG A 153 9.98 -6.37 16.80
CA ARG A 153 11.25 -5.81 16.37
C ARG A 153 12.02 -6.71 15.43
N MET A 154 11.47 -7.87 15.07
CA MET A 154 12.18 -8.83 14.21
C MET A 154 12.33 -8.31 12.80
N SER A 155 13.56 -8.45 12.30
CA SER A 155 13.90 -8.13 10.93
C SER A 155 13.76 -9.36 10.04
N ILE A 156 13.88 -9.16 8.74
CA ILE A 156 13.94 -10.26 7.81
CA ILE A 156 13.93 -10.29 7.81
C ILE A 156 15.02 -11.28 8.21
N ASP A 157 16.18 -10.80 8.65
CA ASP A 157 17.27 -11.70 9.03
C ASP A 157 16.85 -12.52 10.26
N ASP A 158 16.19 -11.87 11.20
CA ASP A 158 15.77 -12.58 12.42
C ASP A 158 14.78 -13.73 12.09
N ILE A 159 13.88 -13.44 11.15
CA ILE A 159 12.87 -14.38 10.65
CA ILE A 159 12.87 -14.37 10.66
C ILE A 159 13.53 -15.53 9.90
N ARG A 160 14.49 -15.21 9.03
CA ARG A 160 15.23 -16.26 8.30
C ARG A 160 15.93 -17.19 9.30
N ARG A 161 16.50 -16.59 10.34
CA ARG A 161 17.27 -17.33 11.32
C ARG A 161 16.47 -18.30 12.19
N ILE A 162 15.17 -18.10 12.30
CA ILE A 162 14.39 -19.12 13.02
CA ILE A 162 14.23 -19.00 12.97
C ILE A 162 13.89 -20.22 12.10
N GLY A 163 14.27 -20.16 10.82
CA GLY A 163 13.95 -21.22 9.89
C GLY A 163 12.93 -20.92 8.80
N VAL A 164 12.49 -19.66 8.67
CA VAL A 164 11.65 -19.27 7.55
C VAL A 164 12.58 -18.95 6.40
N ILE A 165 12.71 -19.92 5.50
CA ILE A 165 13.74 -19.90 4.44
C ILE A 165 13.24 -19.22 3.18
N LEU A 166 11.97 -19.38 2.84
CA LEU A 166 11.46 -18.85 1.58
C LEU A 166 11.32 -17.35 1.65
N ILE A 167 11.91 -16.64 0.70
CA ILE A 167 11.90 -15.16 0.71
C ILE A 167 10.49 -14.57 0.71
N GLY A 168 9.58 -15.18 -0.03
CA GLY A 168 8.21 -14.66 -0.10
C GLY A 168 7.52 -14.80 1.25
N HIS A 169 7.89 -15.80 2.03
CA HIS A 169 7.32 -15.98 3.39
C HIS A 169 7.97 -15.02 4.37
N GLN A 170 9.26 -14.82 4.26
CA GLN A 170 9.97 -13.87 5.13
C GLN A 170 9.36 -12.48 4.96
N ARG A 171 9.20 -12.08 3.69
CA ARG A 171 8.70 -10.75 3.38
C ARG A 171 7.28 -10.57 3.87
N ARG A 172 6.46 -11.62 3.70
CA ARG A 172 5.07 -11.58 4.18
C ARG A 172 5.00 -11.36 5.68
N ILE A 173 5.78 -12.12 6.41
CA ILE A 173 5.80 -12.03 7.86
C ILE A 173 6.26 -10.67 8.29
N VAL A 174 7.36 -10.15 7.74
CA VAL A 174 7.88 -8.86 8.20
CA VAL A 174 7.88 -8.85 8.19
C VAL A 174 6.90 -7.73 7.85
N SER A 175 6.24 -7.80 6.70
CA SER A 175 5.24 -6.78 6.37
C SER A 175 4.08 -6.80 7.36
N SER A 176 3.61 -7.98 7.70
CA SER A 176 2.53 -8.13 8.69
C SER A 176 2.94 -7.55 10.05
N ILE A 177 4.16 -7.88 10.48
CA ILE A 177 4.71 -7.34 11.74
C ILE A 177 4.66 -5.81 11.71
N GLN A 178 5.10 -5.22 10.60
CA GLN A 178 5.14 -3.77 10.49
C GLN A 178 3.76 -3.13 10.65
N THR A 179 2.77 -3.71 9.99
CA THR A 179 1.42 -3.16 10.08
C THR A 179 0.80 -3.38 11.46
N LEU A 180 1.04 -4.55 12.04
CA LEU A 180 0.55 -4.80 13.41
C LEU A 180 1.23 -3.85 14.42
N ARG A 181 2.53 -3.63 14.25
CA ARG A 181 3.27 -2.76 15.15
C ARG A 181 2.76 -1.33 15.05
N LEU A 182 2.44 -0.87 13.84
CA LEU A 182 1.84 0.45 13.66
C LEU A 182 0.56 0.62 14.46
N HIS A 183 -0.31 -0.38 14.38
CA HIS A 183 -1.56 -0.33 15.13
C HIS A 183 -1.34 -0.37 16.64
N MET A 184 -0.45 -1.24 17.08
CA MET A 184 -0.17 -1.33 18.51
C MET A 184 0.46 -0.05 19.04
N MET A 185 1.37 0.55 18.28
CA MET A 185 1.98 1.82 18.70
CA MET A 185 1.98 1.81 18.72
C MET A 185 0.93 2.92 18.78
N HIS A 186 0.08 2.98 17.79
CA HIS A 186 -1.00 3.97 17.82
C HIS A 186 -1.86 3.85 19.08
N ILE A 187 -2.27 2.63 19.38
CA ILE A 187 -3.06 2.40 20.59
C ILE A 187 -2.30 2.84 21.82
N GLN A 188 -1.04 2.46 21.93
CA GLN A 188 -0.24 2.89 23.08
C GLN A 188 -0.16 4.43 23.20
N GLU A 189 0.03 5.09 22.07
CA GLU A 189 0.15 6.55 22.01
C GLU A 189 -1.13 7.25 22.45
N LYS A 190 -2.26 6.59 22.15
CA LYS A 190 -3.54 7.15 22.57
C LYS A 190 -3.70 7.18 24.10
N GLY A 191 -2.96 6.32 24.81
CA GLY A 191 -2.68 6.54 26.24
C GLY A 191 -3.51 5.78 27.24
N PHE A 192 -4.44 4.96 26.78
CA PHE A 192 -5.30 4.18 27.70
C PHE A 192 -4.73 2.79 27.95
N HIS A 193 -4.53 2.02 26.88
CA HIS A 193 -3.86 0.71 26.98
C HIS A 193 -2.41 0.85 26.56
N VAL A 194 -1.56 1.05 27.54
CA VAL A 194 -0.17 1.39 27.27
C VAL A 194 0.74 0.20 27.48
N GLN B 34 12.95 7.53 1.63
CA GLN B 34 12.74 7.98 3.06
C GLN B 34 11.31 7.69 3.49
N SER B 35 11.13 7.04 4.62
CA SER B 35 9.78 6.80 5.14
C SER B 35 9.24 8.09 5.76
N VAL B 36 7.93 8.14 5.87
CA VAL B 36 7.27 9.26 6.58
C VAL B 36 7.79 9.36 8.00
N GLY B 37 7.98 8.23 8.67
CA GLY B 37 8.53 8.23 10.02
C GLY B 37 9.91 8.85 10.13
N GLU B 38 10.80 8.47 9.21
CA GLU B 38 12.14 9.04 9.14
C GLU B 38 12.09 10.54 8.91
N TRP B 39 11.23 10.95 7.97
CA TRP B 39 11.05 12.36 7.66
C TRP B 39 10.54 13.12 8.90
N LEU B 40 9.50 12.59 9.56
CA LEU B 40 8.97 13.24 10.73
C LEU B 40 10.00 13.32 11.86
N GLU B 41 10.80 12.26 12.02
CA GLU B 41 11.87 12.26 13.02
C GLU B 41 12.86 13.38 12.75
N SER B 42 13.17 13.60 11.47
CA SER B 42 14.16 14.62 11.08
C SER B 42 13.70 16.04 11.43
N ILE B 43 12.39 16.24 11.56
CA ILE B 43 11.83 17.55 11.92
C ILE B 43 11.20 17.60 13.33
N GLY B 44 11.41 16.56 14.13
CA GLY B 44 10.96 16.55 15.52
C GLY B 44 9.47 16.34 15.72
N LEU B 45 8.80 15.78 14.72
CA LEU B 45 7.34 15.58 14.76
C LEU B 45 6.92 14.10 14.65
N GLN B 46 7.82 13.21 15.02
CA GLN B 46 7.53 11.76 14.99
C GLN B 46 6.31 11.28 15.80
N GLN B 47 5.86 12.05 16.81
CA GLN B 47 4.66 11.67 17.53
CA GLN B 47 4.64 11.72 17.55
C GLN B 47 3.42 11.59 16.66
N TYR B 48 3.47 12.23 15.48
CA TYR B 48 2.37 12.18 14.51
C TYR B 48 2.47 11.09 13.44
N GLU B 49 3.50 10.24 13.49
CA GLU B 49 3.64 9.20 12.48
C GLU B 49 2.41 8.35 12.32
N SER B 50 1.88 7.81 13.42
CA SER B 50 0.76 6.90 13.25
CA SER B 50 0.74 6.90 13.34
C SER B 50 -0.48 7.60 12.71
N LYS B 51 -0.74 8.83 13.14
CA LYS B 51 -1.87 9.59 12.60
C LYS B 51 -1.74 9.83 11.10
N LEU B 52 -0.54 10.19 10.64
CA LEU B 52 -0.37 10.39 9.19
CA LEU B 52 -0.33 10.40 9.20
C LEU B 52 -0.53 9.07 8.46
N LEU B 53 0.17 8.03 8.91
CA LEU B 53 0.15 6.77 8.17
C LEU B 53 -1.25 6.18 8.11
N LEU B 54 -1.94 6.15 9.25
CA LEU B 54 -3.27 5.56 9.28
C LEU B 54 -4.34 6.36 8.54
N ASN B 55 -4.02 7.60 8.20
CA ASN B 55 -4.90 8.42 7.39
C ASN B 55 -4.45 8.54 5.93
N GLY B 56 -3.46 7.73 5.52
CA GLY B 56 -3.05 7.65 4.12
C GLY B 56 -2.00 8.67 3.71
N PHE B 57 -1.50 9.49 4.63
CA PHE B 57 -0.38 10.42 4.39
C PHE B 57 0.89 9.62 4.61
N ASP B 58 1.16 8.73 3.65
CA ASP B 58 1.99 7.57 3.92
C ASP B 58 3.21 7.43 3.03
N ASP B 59 3.49 8.48 2.25
CA ASP B 59 4.57 8.46 1.28
C ASP B 59 5.00 9.91 1.14
N VAL B 60 6.28 10.19 1.38
CA VAL B 60 6.80 11.57 1.35
C VAL B 60 6.75 12.26 -0.02
N ARG B 61 6.42 11.50 -1.07
CA ARG B 61 6.24 12.07 -2.38
C ARG B 61 4.86 12.71 -2.54
N PHE B 62 3.94 12.47 -1.59
CA PHE B 62 2.54 12.86 -1.71
C PHE B 62 2.00 13.60 -0.47
N LEU B 63 2.82 14.51 0.06
CA LEU B 63 2.47 15.32 1.23
C LEU B 63 2.49 16.79 0.93
N GLY B 64 2.53 17.15 -0.35
CA GLY B 64 2.62 18.54 -0.72
C GLY B 64 1.37 19.34 -0.39
N SER B 65 1.45 20.67 -0.52
CA SER B 65 0.33 21.56 -0.19
C SER B 65 -0.92 21.32 -1.05
N ASN B 66 -0.72 20.71 -2.22
CA ASN B 66 -1.79 20.21 -3.09
C ASN B 66 -2.59 19.01 -2.59
N VAL B 67 -2.09 18.35 -1.53
CA VAL B 67 -2.63 17.05 -1.05
C VAL B 67 -2.90 17.05 0.45
N MET B 68 -1.92 17.48 1.23
CA MET B 68 -2.06 17.50 2.69
C MET B 68 -2.23 18.96 3.09
N GLU B 69 -3.45 19.27 3.54
CA GLU B 69 -3.89 20.61 3.82
C GLU B 69 -4.11 20.84 5.31
N GLU B 70 -4.09 22.10 5.71
CA GLU B 70 -4.45 22.51 7.06
C GLU B 70 -5.70 21.81 7.58
N GLN B 71 -6.78 21.80 6.79
CA GLN B 71 -8.04 21.19 7.25
C GLN B 71 -7.87 19.69 7.54
N ASP B 72 -7.01 19.02 6.78
CA ASP B 72 -6.79 17.60 6.95
C ASP B 72 -6.02 17.34 8.23
N LEU B 73 -5.02 18.16 8.53
CA LEU B 73 -4.28 18.01 9.79
C LEU B 73 -5.18 18.20 11.01
N ARG B 74 -6.09 19.17 10.96
CA ARG B 74 -7.10 19.35 11.99
C ARG B 74 -8.00 18.10 12.12
N GLU B 75 -8.49 17.61 10.99
CA GLU B 75 -9.38 16.46 10.96
C GLU B 75 -8.76 15.23 11.58
N ILE B 76 -7.47 14.99 11.27
CA ILE B 76 -6.81 13.76 11.69
C ILE B 76 -6.28 13.83 13.14
N GLY B 77 -6.39 14.99 13.79
CA GLY B 77 -6.05 15.10 15.19
C GLY B 77 -4.80 15.82 15.57
N ILE B 78 -4.26 16.64 14.67
CA ILE B 78 -3.16 17.50 15.05
C ILE B 78 -3.78 18.83 15.47
N SER B 79 -3.99 18.94 16.77
CA SER B 79 -4.72 20.08 17.34
C SER B 79 -3.82 21.24 17.77
N ASP B 80 -2.52 20.98 17.91
CA ASP B 80 -1.54 22.02 18.23
C ASP B 80 -1.27 22.87 16.98
N PRO B 81 -1.66 24.16 16.99
CA PRO B 81 -1.46 24.98 15.78
C PRO B 81 0.00 25.18 15.38
N GLN B 82 0.93 25.19 16.35
CA GLN B 82 2.36 25.33 16.04
C GLN B 82 2.87 24.09 15.33
N HIS B 83 2.40 22.91 15.74
CA HIS B 83 2.79 21.68 15.07
C HIS B 83 2.23 21.61 13.65
N ARG B 84 0.99 22.04 13.46
CA ARG B 84 0.41 22.09 12.13
C ARG B 84 1.24 23.01 11.25
N ARG B 85 1.59 24.19 11.78
CA ARG B 85 2.37 25.15 11.00
C ARG B 85 3.71 24.56 10.59
N LYS B 86 4.41 23.96 11.55
CA LYS B 86 5.73 23.34 11.30
C LYS B 86 5.63 22.21 10.28
N LEU B 87 4.61 21.37 10.41
CA LEU B 87 4.45 20.23 9.51
C LEU B 87 4.21 20.69 8.08
N LEU B 88 3.30 21.64 7.92
CA LEU B 88 3.00 22.15 6.58
C LEU B 88 4.21 22.85 5.97
N GLN B 89 4.95 23.61 6.77
CA GLN B 89 6.14 24.29 6.28
CA GLN B 89 6.15 24.29 6.29
C GLN B 89 7.17 23.27 5.80
N ALA B 90 7.40 22.23 6.60
CA ALA B 90 8.35 21.19 6.23
C ALA B 90 7.93 20.47 4.96
N ALA B 91 6.63 20.17 4.85
CA ALA B 91 6.10 19.49 3.68
C ALA B 91 6.24 20.32 2.41
N ARG B 92 6.03 21.63 2.56
CA ARG B 92 6.28 22.59 1.46
C ARG B 92 7.73 22.55 1.00
N SER B 93 8.65 22.17 1.91
CA SER B 93 10.07 22.02 1.60
C SER B 93 10.44 20.67 0.99
N LEU B 94 9.52 19.71 0.98
CA LEU B 94 9.75 18.44 0.27
C LEU B 94 9.78 18.71 -1.23
N PRO B 95 10.64 18.00 -1.96
CA PRO B 95 10.72 18.22 -3.41
C PRO B 95 9.39 18.01 -4.10
N LYS B 96 9.10 18.87 -5.07
CA LYS B 96 7.94 18.68 -5.95
C LYS B 96 8.44 18.06 -7.23
N VAL B 97 7.99 16.83 -7.47
CA VAL B 97 8.45 16.09 -8.62
C VAL B 97 7.27 15.76 -9.51
N LYS B 98 7.53 15.83 -10.79
CA LYS B 98 6.58 15.46 -11.80
C LYS B 98 6.43 13.94 -11.75
N PRO B 99 5.20 13.41 -11.97
CA PRO B 99 5.08 11.96 -12.07
C PRO B 99 5.90 11.42 -13.24
N SER B 100 6.32 10.18 -13.08
CA SER B 100 7.03 9.45 -14.12
CA SER B 100 7.03 9.45 -14.10
C SER B 100 6.04 8.56 -14.84
N GLY B 101 6.40 8.16 -16.05
CA GLY B 101 5.61 7.18 -16.78
C GLY B 101 5.64 5.81 -16.13
N SER B 102 4.77 4.94 -16.64
CA SER B 102 4.61 3.56 -16.22
C SER B 102 5.65 2.66 -16.82
N SER B 103 5.71 1.44 -16.31
CA SER B 103 6.35 0.35 -17.04
C SER B 103 5.45 0.08 -18.24
N GLY B 104 6.07 -0.15 -19.39
CA GLY B 104 5.36 -0.54 -20.60
C GLY B 104 5.10 0.66 -21.48
N GLU B 105 3.85 0.81 -21.88
CA GLU B 105 3.51 1.80 -22.90
C GLU B 105 3.18 3.09 -22.21
N ASN B 106 3.57 4.19 -22.82
CA ASN B 106 3.30 5.50 -22.28
C ASN B 106 2.81 6.46 -23.33
N LEU B 107 2.13 7.47 -22.83
CA LEU B 107 1.64 8.59 -23.63
C LEU B 107 2.11 9.82 -22.89
N TYR B 108 2.78 10.76 -23.54
N TYR B 108 2.81 10.72 -23.58
CA TYR B 108 3.15 11.95 -22.82
CA TYR B 108 3.50 11.87 -22.98
C TYR B 108 3.12 13.16 -23.70
C TYR B 108 3.18 13.17 -23.72
N PHE B 109 3.03 14.29 -22.99
CA PHE B 109 3.03 15.61 -23.60
C PHE B 109 4.41 16.23 -23.33
N GLN B 110 4.98 16.94 -24.31
CA GLN B 110 6.29 17.57 -24.20
C GLN B 110 6.28 18.87 -25.00
N SER B 111 6.90 19.93 -24.48
CA SER B 111 7.27 21.12 -25.32
C SER B 111 8.58 20.85 -26.09
N GLY B 112 8.58 21.02 -27.40
CA GLY B 112 9.80 20.96 -28.19
C GLY B 112 10.32 19.55 -28.30
N SER B 113 11.60 19.45 -28.63
CA SER B 113 12.28 18.16 -28.73
C SER B 113 12.88 17.70 -27.40
N SER B 114 13.15 18.64 -26.48
CA SER B 114 13.84 18.31 -25.23
C SER B 114 13.25 18.97 -23.98
N GLY B 115 12.01 19.46 -24.04
CA GLY B 115 11.32 19.97 -22.84
C GLY B 115 10.89 18.81 -21.94
N PRO B 116 10.50 19.09 -20.70
CA PRO B 116 10.15 18.01 -19.75
C PRO B 116 8.88 17.22 -20.16
N GLU B 117 8.92 15.90 -20.04
CA GLU B 117 7.78 15.05 -20.45
C GLU B 117 6.76 14.93 -19.35
N TYR B 118 5.48 15.17 -19.63
CA TYR B 118 4.41 14.98 -18.66
C TYR B 118 3.57 13.75 -19.05
N PRO B 119 3.45 12.75 -18.16
CA PRO B 119 2.75 11.52 -18.54
C PRO B 119 1.25 11.61 -18.48
N LEU B 120 0.56 11.09 -19.49
CA LEU B 120 -0.89 11.06 -19.58
C LEU B 120 -1.51 9.67 -19.42
N PHE B 121 -0.68 8.63 -19.65
CA PHE B 121 -0.99 7.21 -19.46
C PHE B 121 -1.91 6.63 -20.50
N VAL B 122 -1.86 5.30 -20.65
CA VAL B 122 -2.79 4.63 -21.56
C VAL B 122 -3.74 3.66 -20.91
N THR B 123 -3.56 3.38 -19.61
CA THR B 123 -4.52 2.57 -18.85
C THR B 123 -4.74 3.19 -17.48
N VAL B 124 -5.89 2.88 -16.91
CA VAL B 124 -6.21 3.31 -15.55
C VAL B 124 -5.16 2.77 -14.56
N GLY B 125 -4.72 1.54 -14.76
CA GLY B 125 -3.75 0.94 -13.86
C GLY B 125 -2.41 1.66 -13.89
N ASP B 126 -1.97 2.06 -15.08
CA ASP B 126 -0.70 2.77 -15.19
C ASP B 126 -0.79 4.14 -14.47
N TRP B 127 -1.90 4.85 -14.69
CA TRP B 127 -2.12 6.13 -14.01
C TRP B 127 -2.10 5.93 -12.46
N LEU B 128 -2.86 4.97 -11.97
CA LEU B 128 -2.92 4.76 -10.52
C LEU B 128 -1.54 4.44 -9.96
N ASP B 129 -0.76 3.66 -10.69
CA ASP B 129 0.57 3.34 -10.20
C ASP B 129 1.51 4.53 -10.08
N SER B 130 1.32 5.55 -10.92
CA SER B 130 2.18 6.71 -10.92
C SER B 130 2.08 7.53 -9.63
N ILE B 131 0.97 7.35 -8.91
CA ILE B 131 0.73 7.99 -7.61
C ILE B 131 0.66 6.95 -6.49
N LYS B 132 1.16 5.74 -6.78
CA LYS B 132 1.23 4.65 -5.80
C LYS B 132 -0.14 4.28 -5.23
N MET B 133 -1.17 4.36 -6.07
CA MET B 133 -2.53 4.01 -5.70
C MET B 133 -3.06 2.79 -6.45
N GLY B 134 -2.14 1.96 -6.93
CA GLY B 134 -2.48 0.70 -7.59
C GLY B 134 -3.42 -0.21 -6.81
N GLN B 135 -3.39 -0.13 -5.46
CA GLN B 135 -4.26 -0.97 -4.65
C GLN B 135 -5.74 -0.78 -4.97
N TYR B 136 -6.05 0.39 -5.53
CA TYR B 136 -7.43 0.70 -5.87
C TYR B 136 -7.86 0.39 -7.30
N LYS B 137 -6.98 -0.27 -8.10
CA LYS B 137 -7.35 -0.58 -9.47
C LYS B 137 -8.67 -1.38 -9.51
N SER B 138 -8.78 -2.41 -8.66
CA SER B 138 -10.00 -3.24 -8.66
C SER B 138 -11.24 -2.42 -8.28
N ASN B 139 -11.07 -1.46 -7.37
CA ASN B 139 -12.17 -0.59 -6.97
C ASN B 139 -12.71 0.24 -8.12
N PHE B 140 -11.80 0.85 -8.88
CA PHE B 140 -12.17 1.61 -10.07
C PHE B 140 -12.88 0.72 -11.10
N MET B 141 -12.31 -0.47 -11.36
CA MET B 141 -12.87 -1.41 -12.33
CA MET B 141 -12.87 -1.40 -12.34
C MET B 141 -14.26 -1.87 -11.90
N ALA B 142 -14.40 -2.24 -10.63
CA ALA B 142 -15.68 -2.74 -10.10
C ALA B 142 -16.81 -1.72 -10.20
N ALA B 143 -16.49 -0.45 -10.04
CA ALA B 143 -17.48 0.60 -10.11
C ALA B 143 -17.70 1.15 -11.52
N GLY B 144 -17.00 0.59 -12.52
CA GLY B 144 -17.13 1.02 -13.93
C GLY B 144 -16.40 2.31 -14.29
N PHE B 145 -15.51 2.78 -13.41
CA PHE B 145 -14.76 4.02 -13.62
C PHE B 145 -13.42 3.67 -14.29
N THR B 146 -13.47 3.32 -15.60
CA THR B 146 -12.23 2.86 -16.28
C THR B 146 -11.71 3.80 -17.34
N THR B 147 -12.54 4.74 -17.78
CA THR B 147 -12.08 5.73 -18.74
C THR B 147 -11.72 6.98 -18.01
N PHE B 148 -10.79 7.75 -18.58
CA PHE B 148 -10.44 9.01 -18.00
C PHE B 148 -11.60 10.01 -18.06
N ASP B 149 -12.44 9.93 -19.09
CA ASP B 149 -13.61 10.78 -19.15
C ASP B 149 -14.47 10.58 -17.89
N LEU B 150 -14.72 9.33 -17.52
CA LEU B 150 -15.52 9.06 -16.32
C LEU B 150 -14.79 9.45 -15.03
N ILE B 151 -13.53 9.09 -14.94
CA ILE B 151 -12.73 9.39 -13.76
C ILE B 151 -12.63 10.89 -13.53
N SER B 152 -12.52 11.68 -14.62
CA SER B 152 -12.34 13.11 -14.54
C SER B 152 -13.54 13.82 -13.92
N ARG B 153 -14.69 13.16 -13.90
CA ARG B 153 -15.94 13.69 -13.33
C ARG B 153 -16.14 13.33 -11.87
N MET B 154 -15.27 12.50 -11.32
CA MET B 154 -15.46 12.04 -9.96
C MET B 154 -15.21 13.13 -8.92
N SER B 155 -16.07 13.20 -7.91
CA SER B 155 -15.84 14.03 -6.72
C SER B 155 -15.08 13.22 -5.68
N ILE B 156 -14.61 13.90 -4.64
CA ILE B 156 -14.01 13.18 -3.50
C ILE B 156 -15.01 12.16 -2.92
N ASP B 157 -16.30 12.52 -2.88
CA ASP B 157 -17.35 11.60 -2.41
C ASP B 157 -17.47 10.33 -3.29
N ASP B 158 -17.38 10.50 -4.60
CA ASP B 158 -17.45 9.36 -5.49
C ASP B 158 -16.24 8.42 -5.25
N ILE B 159 -15.09 9.03 -5.02
CA ILE B 159 -13.86 8.29 -4.75
CA ILE B 159 -13.84 8.31 -4.74
C ILE B 159 -13.97 7.56 -3.40
N ARG B 160 -14.49 8.25 -2.38
CA ARG B 160 -14.77 7.61 -1.10
CA ARG B 160 -14.74 7.58 -1.11
C ARG B 160 -15.65 6.38 -1.30
N ARG B 161 -16.72 6.56 -2.07
CA ARG B 161 -17.73 5.54 -2.23
C ARG B 161 -17.29 4.29 -2.98
N ILE B 162 -16.25 4.40 -3.82
CA ILE B 162 -15.70 3.20 -4.46
C ILE B 162 -14.79 2.43 -3.52
N GLY B 163 -14.54 2.97 -2.30
CA GLY B 163 -13.74 2.27 -1.32
C GLY B 163 -12.41 2.92 -0.95
N VAL B 164 -12.14 4.13 -1.43
CA VAL B 164 -10.95 4.86 -1.01
C VAL B 164 -11.34 5.65 0.26
N ILE B 165 -11.07 5.04 1.41
CA ILE B 165 -11.49 5.48 2.75
CA ILE B 165 -11.57 5.65 2.64
C ILE B 165 -10.55 6.52 3.32
N LEU B 166 -9.25 6.37 3.04
CA LEU B 166 -8.26 7.20 3.72
C LEU B 166 -8.16 8.58 3.07
N ILE B 167 -8.18 9.62 3.91
CA ILE B 167 -8.20 11.00 3.43
C ILE B 167 -6.98 11.31 2.56
N GLY B 168 -5.80 10.84 2.97
CA GLY B 168 -4.58 11.14 2.22
C GLY B 168 -4.57 10.52 0.83
N HIS B 169 -5.24 9.39 0.69
CA HIS B 169 -5.39 8.73 -0.59
C HIS B 169 -6.42 9.46 -1.43
N GLN B 170 -7.55 9.82 -0.84
CA GLN B 170 -8.56 10.58 -1.57
C GLN B 170 -7.98 11.85 -2.13
N ARG B 171 -7.25 12.60 -1.30
CA ARG B 171 -6.72 13.91 -1.74
C ARG B 171 -5.69 13.71 -2.85
N ARG B 172 -4.89 12.65 -2.75
CA ARG B 172 -3.84 12.37 -3.74
C ARG B 172 -4.45 12.08 -5.10
N ILE B 173 -5.47 11.25 -5.10
CA ILE B 173 -6.15 10.84 -6.31
C ILE B 173 -6.84 12.04 -6.95
N VAL B 174 -7.61 12.80 -6.18
CA VAL B 174 -8.32 13.96 -6.72
C VAL B 174 -7.34 14.93 -7.33
N SER B 175 -6.23 15.21 -6.66
CA SER B 175 -5.24 16.15 -7.17
C SER B 175 -4.68 15.68 -8.52
N SER B 176 -4.36 14.41 -8.61
CA SER B 176 -3.83 13.85 -9.83
C SER B 176 -4.83 13.97 -10.98
N ILE B 177 -6.09 13.64 -10.70
CA ILE B 177 -7.15 13.73 -11.71
C ILE B 177 -7.30 15.18 -12.21
N GLN B 178 -7.30 16.13 -11.29
CA GLN B 178 -7.52 17.52 -11.68
C GLN B 178 -6.41 17.99 -12.60
N THR B 179 -5.17 17.64 -12.29
CA THR B 179 -4.07 18.07 -13.14
C THR B 179 -4.16 17.44 -14.53
N LEU B 180 -4.40 16.13 -14.56
CA LEU B 180 -4.53 15.43 -15.82
C LEU B 180 -5.67 16.01 -16.65
N ARG B 181 -6.77 16.37 -16.02
CA ARG B 181 -7.90 16.92 -16.71
C ARG B 181 -7.51 18.21 -17.44
N LEU B 182 -6.72 19.08 -16.82
CA LEU B 182 -6.33 20.30 -17.49
C LEU B 182 -5.47 20.00 -18.72
N HIS B 183 -4.58 19.03 -18.64
CA HIS B 183 -3.80 18.65 -19.83
C HIS B 183 -4.70 18.13 -20.93
N MET B 184 -5.65 17.26 -20.61
CA MET B 184 -6.49 16.68 -21.66
C MET B 184 -7.37 17.76 -22.27
N MET B 185 -7.86 18.70 -21.47
CA MET B 185 -8.65 19.82 -22.00
CA MET B 185 -8.65 19.84 -21.97
C MET B 185 -7.83 20.69 -22.92
N HIS B 186 -6.57 20.92 -22.57
CA HIS B 186 -5.65 21.70 -23.39
C HIS B 186 -5.43 21.03 -24.76
N ILE B 187 -5.22 19.73 -24.76
CA ILE B 187 -5.06 19.02 -26.02
C ILE B 187 -6.32 19.13 -26.85
N GLN B 188 -7.49 18.93 -26.26
CA GLN B 188 -8.73 19.06 -27.00
C GLN B 188 -8.89 20.46 -27.59
N GLU B 189 -8.56 21.49 -26.81
CA GLU B 189 -8.72 22.86 -27.29
C GLU B 189 -7.82 23.16 -28.49
N LYS B 190 -6.67 22.52 -28.59
CA LYS B 190 -5.78 22.76 -29.72
C LYS B 190 -6.38 22.30 -31.04
N GLY B 191 -7.35 21.39 -31.00
CA GLY B 191 -8.24 21.17 -32.15
C GLY B 191 -8.02 19.99 -33.07
N PHE B 192 -7.05 19.15 -32.77
CA PHE B 192 -6.73 17.98 -33.63
C PHE B 192 -7.35 16.72 -33.04
N HIS B 193 -7.03 16.42 -31.80
CA HIS B 193 -7.63 15.30 -31.08
C HIS B 193 -8.73 15.84 -30.20
N VAL B 194 -9.94 15.89 -30.75
CA VAL B 194 -11.07 16.59 -30.11
C VAL B 194 -11.98 15.61 -29.44
S SO4 C . 23.38 -15.49 9.30
O1 SO4 C . 24.63 -15.20 10.21
O2 SO4 C . 22.45 -16.60 9.84
O3 SO4 C . 22.51 -14.25 9.15
O4 SO4 C . 23.84 -16.04 7.85
S SO4 D . 9.59 -0.60 -19.30
O1 SO4 D . 9.83 -1.42 -18.12
O2 SO4 D . 10.81 -0.52 -20.14
O3 SO4 D . 9.27 0.78 -18.86
O4 SO4 D . 8.47 -1.13 -20.13
S SO4 E . -3.92 -4.10 24.10
O1 SO4 E . -2.49 -3.94 24.41
O2 SO4 E . -4.30 -5.53 24.18
O3 SO4 E . -4.72 -3.34 25.07
O4 SO4 E . -4.21 -3.55 22.76
S SO4 F . 8.70 -2.39 12.26
O1 SO4 F . 9.40 -3.17 13.32
O2 SO4 F . 8.29 -3.37 11.26
O3 SO4 F . 7.54 -1.68 12.81
O4 SO4 F . 9.61 -1.39 11.63
C1 GOL G . -4.10 -20.83 19.45
O1 GOL G . -4.80 -19.58 19.49
C2 GOL G . -2.73 -20.69 20.10
O2 GOL G . -2.35 -21.90 20.77
C3 GOL G . -1.72 -20.31 19.03
O3 GOL G . -0.49 -19.73 19.50
N1 EPE H . -11.84 6.76 8.57
C2 EPE H . -11.94 7.38 9.89
C3 EPE H . -10.57 7.87 10.29
N4 EPE H . -9.63 6.75 10.42
C5 EPE H . -9.55 6.03 9.13
C6 EPE H . -10.94 5.57 8.66
C7 EPE H . -8.36 7.34 10.85
C8 EPE H . -7.28 6.37 11.26
O8 EPE H . -7.73 5.43 12.23
C9 EPE H . -13.17 6.51 7.96
C10 EPE H . -14.16 5.86 8.92
S EPE H . -15.54 5.41 8.10
O1S EPE H . -16.40 4.64 9.03
O2S EPE H . -15.16 4.58 6.93
O3S EPE H . -16.22 6.63 7.61
S SO4 I . -22.38 7.75 1.95
O1 SO4 I . -21.22 7.22 2.71
O2 SO4 I . -23.12 6.60 1.37
O3 SO4 I . -23.25 8.52 2.86
O4 SO4 I . -21.92 8.63 0.86
C1 GOL J . -3.49 19.42 -8.24
O1 GOL J . -4.03 19.31 -6.91
C2 GOL J . -4.65 19.41 -9.19
O2 GOL J . -4.65 18.18 -9.91
C3 GOL J . -4.58 20.46 -10.26
O3 GOL J . -3.24 20.67 -10.73
C TRS K . -8.67 12.40 16.51
C1 TRS K . -9.13 13.02 15.15
C2 TRS K . -9.02 10.92 16.76
C3 TRS K . -9.22 13.27 17.66
N TRS K . -7.20 12.45 16.66
O1 TRS K . -9.27 12.29 13.91
O2 TRS K . -7.86 10.15 17.15
O3 TRS K . -9.35 14.69 17.39
#